data_4XPC
#
_entry.id   4XPC
#
_cell.length_a   54.636
_cell.length_b   145.273
_cell.length_c   46.801
_cell.angle_alpha   90.000
_cell.angle_beta   90.000
_cell.angle_gamma   90.000
#
_symmetry.space_group_name_H-M   'P 21 21 2'
#
loop_
_entity.id
_entity.type
_entity.pdbx_description
1 polymer 'reverse transcriptase'
2 polymer "DNA (5'-D(*CP*TP*TP*AP*TP*AP*AP*A)-3')"
3 polymer "DNA (5'-D(P*TP*TP*TP*AP*TP*AP*AP*G)-3')"
4 non-polymer 1,2-ETHANEDIOL
5 water water
#
loop_
_entity_poly.entity_id
_entity_poly.type
_entity_poly.pdbx_seq_one_letter_code
_entity_poly.pdbx_strand_id
1 'polypeptide(L)'
;GSHMTWLSDFPQAWAETGGMGLAVRQAPLIIPLKATSTPVSIKQYPMSQEARLGIKPHIQRLLDQGILVPCQSPWNTPLL
PVKKPGTNDYRPVQDLREVNKRVEDIHPTVPNPYNLLSGLPPSHQWYTVLDLKDAFFCLRLHPTSQPLFAFEWRDPEMGI
SGQLTWTRLPQGFKNSPTLFDEALHRDLADFRIQHPDLILLQYVDDLLLAATSELDCQQGTRALLQTLGNLGYRASAKKA
QICQKQVKYLGYLLKEGQR
;
A
2 'polydeoxyribonucleotide' (DC)(DT)(DT)(DA)(DT)(DA)(DA)(DA) B
3 'polydeoxyribonucleotide' (DT)(DT)(DT)(DA)(DT)(DA)(DA)(DG) G
#
loop_
_chem_comp.id
_chem_comp.type
_chem_comp.name
_chem_comp.formula
DA DNA linking 2'-DEOXYADENOSINE-5'-MONOPHOSPHATE 'C10 H14 N5 O6 P'
DC DNA linking 2'-DEOXYCYTIDINE-5'-MONOPHOSPHATE 'C9 H14 N3 O7 P'
DG DNA linking 2'-DEOXYGUANOSINE-5'-MONOPHOSPHATE 'C10 H14 N5 O7 P'
DT DNA linking THYMIDINE-5'-MONOPHOSPHATE 'C10 H15 N2 O8 P'
EDO non-polymer 1,2-ETHANEDIOL 'C2 H6 O2'
#
# COMPACT_ATOMS: atom_id res chain seq x y z
N THR A 5 8.57 -19.79 15.88
CA THR A 5 7.52 -18.78 15.73
C THR A 5 7.53 -18.21 14.32
N TRP A 6 6.36 -17.86 13.81
CA TRP A 6 6.27 -17.19 12.52
C TRP A 6 6.91 -15.80 12.61
N LEU A 7 6.74 -15.16 13.76
CA LEU A 7 7.37 -13.87 14.02
C LEU A 7 8.89 -13.94 13.96
N SER A 8 9.49 -14.68 14.89
CA SER A 8 10.93 -14.74 15.01
C SER A 8 11.62 -15.30 13.77
N ASP A 9 10.94 -16.20 13.07
CA ASP A 9 11.51 -16.85 11.89
C ASP A 9 11.62 -15.91 10.69
N PHE A 10 10.80 -14.86 10.67
CA PHE A 10 10.80 -13.93 9.55
C PHE A 10 10.67 -12.47 10.01
N PRO A 11 11.68 -11.99 10.74
CA PRO A 11 11.65 -10.64 11.33
C PRO A 11 11.54 -9.56 10.27
N GLN A 12 12.13 -9.81 9.11
CA GLN A 12 12.15 -8.83 8.04
C GLN A 12 10.79 -8.69 7.35
N ALA A 13 10.01 -9.76 7.38
CA ALA A 13 8.74 -9.81 6.65
C ALA A 13 7.59 -9.11 7.37
N TRP A 14 7.70 -8.93 8.68
CA TRP A 14 6.60 -8.37 9.45
C TRP A 14 6.79 -6.88 9.75
N ALA A 15 5.72 -6.12 9.61
CA ALA A 15 5.77 -4.69 9.87
C ALA A 15 6.19 -4.42 11.31
N GLU A 16 5.80 -5.33 12.20
CA GLU A 16 6.07 -5.16 13.61
C GLU A 16 7.57 -5.19 13.94
N THR A 17 8.34 -5.93 13.14
CA THR A 17 9.75 -6.15 13.44
C THR A 17 10.73 -5.74 12.35
N GLY A 18 10.23 -5.45 11.15
CA GLY A 18 11.10 -5.22 10.02
C GLY A 18 11.35 -3.77 9.64
N GLY A 19 10.66 -2.84 10.30
CA GLY A 19 10.76 -1.44 9.94
C GLY A 19 9.87 -1.08 8.76
N MET A 20 9.76 0.21 8.44
CA MET A 20 8.96 0.66 7.31
C MET A 20 9.52 0.06 6.02
N GLY A 21 8.63 -0.36 5.13
CA GLY A 21 9.03 -0.99 3.90
C GLY A 21 9.53 -0.03 2.84
N LEU A 22 10.08 -0.60 1.78
CA LEU A 22 10.54 0.15 0.62
C LEU A 22 10.80 -0.91 -0.45
N ALA A 23 10.04 -0.85 -1.54
CA ALA A 23 10.17 -1.83 -2.62
C ALA A 23 11.41 -1.53 -3.45
N VAL A 24 12.53 -2.16 -3.07
CA VAL A 24 13.84 -1.81 -3.60
C VAL A 24 14.03 -2.14 -5.08
N ARG A 25 13.20 -3.04 -5.61
CA ARG A 25 13.34 -3.47 -7.00
C ARG A 25 12.55 -2.59 -7.93
N GLN A 26 11.67 -1.77 -7.37
CA GLN A 26 10.76 -0.97 -8.19
C GLN A 26 11.30 0.43 -8.43
N ALA A 27 11.44 0.81 -9.71
CA ALA A 27 11.89 2.15 -10.06
C ALA A 27 10.92 3.20 -9.50
N PRO A 28 11.44 4.34 -9.03
CA PRO A 28 10.56 5.43 -8.57
C PRO A 28 9.55 5.78 -9.67
N LEU A 29 8.30 5.95 -9.27
CA LEU A 29 7.21 6.09 -10.23
C LEU A 29 7.10 7.50 -10.78
N ILE A 30 6.99 7.60 -12.10
CA ILE A 30 6.70 8.86 -12.75
C ILE A 30 5.21 8.87 -13.07
N ILE A 31 4.55 9.98 -12.73
CA ILE A 31 3.09 10.10 -12.87
C ILE A 31 2.76 11.06 -14.02
N PRO A 32 2.41 10.53 -15.20
CA PRO A 32 2.13 11.40 -16.34
C PRO A 32 0.87 12.24 -16.17
N LEU A 33 0.96 13.51 -16.57
CA LEU A 33 -0.19 14.41 -16.52
C LEU A 33 -0.96 14.33 -17.83
N LYS A 34 -2.23 14.71 -17.78
CA LYS A 34 -3.00 14.91 -19.01
C LYS A 34 -2.35 15.99 -19.86
N ALA A 35 -2.59 15.94 -21.16
CA ALA A 35 -1.88 16.80 -22.10
C ALA A 35 -2.05 18.28 -21.84
N THR A 36 -3.20 18.66 -21.28
CA THR A 36 -3.48 20.09 -21.06
C THR A 36 -3.34 20.56 -19.62
N SER A 37 -2.94 19.69 -18.70
CA SER A 37 -2.87 20.09 -17.31
C SER A 37 -1.81 21.16 -16.96
N THR A 38 -2.16 22.05 -16.03
CA THR A 38 -1.17 22.93 -15.39
C THR A 38 -1.41 22.84 -13.90
N PRO A 39 -0.42 23.24 -13.10
CA PRO A 39 -0.57 23.08 -11.64
C PRO A 39 -1.76 23.85 -11.08
N VAL A 40 -2.37 23.30 -10.06
CA VAL A 40 -3.43 23.97 -9.32
C VAL A 40 -2.98 24.10 -7.88
N SER A 41 -3.20 25.28 -7.30
CA SER A 41 -2.81 25.56 -5.93
C SER A 41 -4.04 25.96 -5.13
N ILE A 42 -4.55 25.02 -4.35
CA ILE A 42 -5.76 25.24 -3.59
C ILE A 42 -5.39 25.67 -2.18
N LYS A 43 -5.99 26.75 -1.71
CA LYS A 43 -5.69 27.25 -0.39
C LYS A 43 -6.14 26.24 0.67
N GLN A 44 -5.38 26.17 1.75
CA GLN A 44 -5.68 25.29 2.87
C GLN A 44 -6.72 25.94 3.77
N TYR A 45 -7.87 25.28 3.97
CA TYR A 45 -8.83 25.82 4.91
C TYR A 45 -8.16 25.88 6.28
N PRO A 46 -8.36 26.98 7.02
CA PRO A 46 -7.71 27.10 8.33
C PRO A 46 -8.05 25.92 9.22
N MET A 47 -7.03 25.36 9.87
CA MET A 47 -7.23 24.18 10.70
C MET A 47 -7.22 24.59 12.15
N SER A 48 -8.15 24.04 12.93
CA SER A 48 -8.22 24.32 14.36
C SER A 48 -6.98 23.81 15.07
N GLN A 49 -6.68 24.34 16.25
CA GLN A 49 -5.55 23.83 17.01
C GLN A 49 -5.75 22.35 17.35
N GLU A 50 -6.98 21.97 17.67
CA GLU A 50 -7.23 20.59 18.08
C GLU A 50 -6.86 19.63 16.97
N ALA A 51 -7.26 19.98 15.75
CA ALA A 51 -6.97 19.15 14.59
C ALA A 51 -5.46 19.14 14.31
N ARG A 52 -4.84 20.30 14.39
CA ARG A 52 -3.40 20.42 14.15
C ARG A 52 -2.57 19.60 15.14
N LEU A 53 -2.90 19.68 16.43
CA LEU A 53 -2.21 18.87 17.45
C LEU A 53 -2.46 17.38 17.24
N GLY A 54 -3.65 17.04 16.75
CA GLY A 54 -3.95 15.64 16.46
C GLY A 54 -3.08 15.11 15.34
N ILE A 55 -2.94 15.92 14.29
CA ILE A 55 -2.23 15.51 13.08
C ILE A 55 -0.72 15.54 13.26
N LYS A 56 -0.25 16.49 14.06
CA LYS A 56 1.18 16.77 14.19
C LYS A 56 2.10 15.55 14.36
N PRO A 57 1.76 14.63 15.27
CA PRO A 57 2.65 13.48 15.51
C PRO A 57 2.77 12.59 14.28
N HIS A 58 1.70 12.49 13.50
CA HIS A 58 1.74 11.69 12.27
C HIS A 58 2.66 12.34 11.25
N ILE A 59 2.53 13.66 11.09
CA ILE A 59 3.40 14.41 10.19
C ILE A 59 4.87 14.25 10.59
N GLN A 60 5.14 14.35 11.88
CA GLN A 60 6.53 14.24 12.35
C GLN A 60 7.12 12.85 12.08
N ARG A 61 6.31 11.81 12.28
CA ARG A 61 6.78 10.46 12.04
C ARG A 61 7.11 10.28 10.57
N LEU A 62 6.24 10.78 9.71
CA LEU A 62 6.46 10.67 8.28
C LEU A 62 7.70 11.44 7.83
N LEU A 63 7.95 12.60 8.42
CA LEU A 63 9.15 13.37 8.14
C LEU A 63 10.36 12.57 8.59
N ASP A 64 10.29 12.03 9.80
CA ASP A 64 11.39 11.23 10.34
C ASP A 64 11.69 10.04 9.42
N GLN A 65 10.65 9.48 8.84
CA GLN A 65 10.78 8.32 7.95
C GLN A 65 11.18 8.71 6.53
N GLY A 66 11.23 10.01 6.25
CA GLY A 66 11.57 10.47 4.91
C GLY A 66 10.45 10.31 3.89
N ILE A 67 9.27 9.95 4.38
CA ILE A 67 8.10 9.74 3.52
C ILE A 67 7.51 11.10 3.14
N LEU A 68 7.63 12.07 4.05
CA LEU A 68 7.34 13.47 3.74
C LEU A 68 8.66 14.25 3.74
N VAL A 69 8.75 15.23 2.84
CA VAL A 69 9.89 16.13 2.79
C VAL A 69 9.40 17.55 2.53
N PRO A 70 10.14 18.55 3.03
CA PRO A 70 9.79 19.92 2.67
C PRO A 70 9.87 20.12 1.17
N CYS A 71 9.11 21.07 0.65
CA CYS A 71 9.22 21.45 -0.75
C CYS A 71 8.58 22.80 -1.02
N GLN A 72 8.88 23.34 -2.20
CA GLN A 72 8.16 24.48 -2.76
C GLN A 72 7.60 24.03 -4.09
N SER A 73 6.27 24.05 -4.20
CA SER A 73 5.59 23.53 -5.39
C SER A 73 4.46 24.44 -5.84
N PRO A 74 4.24 24.54 -7.16
CA PRO A 74 3.11 25.27 -7.73
C PRO A 74 1.80 24.52 -7.54
N TRP A 75 1.90 23.26 -7.10
CA TRP A 75 0.73 22.47 -6.76
C TRP A 75 0.50 22.58 -5.26
N ASN A 76 -0.77 22.60 -4.87
CA ASN A 76 -1.12 22.49 -3.48
C ASN A 76 -2.55 21.98 -3.33
N THR A 77 -2.74 20.98 -2.47
CA THR A 77 -4.08 20.53 -2.13
C THR A 77 -4.24 20.52 -0.61
N PRO A 78 -5.51 20.58 -0.14
CA PRO A 78 -5.79 20.74 1.29
C PRO A 78 -5.75 19.44 2.07
N LEU A 79 -5.36 19.55 3.33
CA LEU A 79 -5.60 18.51 4.33
C LEU A 79 -6.96 18.78 4.95
N LEU A 80 -7.72 17.72 5.25
CA LEU A 80 -9.03 17.91 5.87
C LEU A 80 -8.91 18.48 7.29
N PRO A 81 -9.75 19.47 7.62
CA PRO A 81 -9.66 20.20 8.90
C PRO A 81 -10.32 19.46 10.06
N VAL A 82 -11.05 18.39 9.77
CA VAL A 82 -11.75 17.67 10.81
C VAL A 82 -11.44 16.17 10.76
N LYS A 83 -10.91 15.72 9.63
CA LYS A 83 -10.42 14.36 9.46
C LYS A 83 -11.26 13.32 10.20
N ASP A 89 -9.36 11.07 17.68
CA ASP A 89 -8.61 10.19 16.81
C ASP A 89 -8.34 10.83 15.45
N TYR A 90 -7.39 11.76 15.43
CA TYR A 90 -7.05 12.51 14.21
C TYR A 90 -5.97 11.83 13.37
N ARG A 91 -6.17 11.84 12.06
CA ARG A 91 -5.15 11.42 11.12
C ARG A 91 -5.30 12.27 9.84
N PRO A 92 -4.18 12.56 9.17
CA PRO A 92 -4.17 13.50 8.04
C PRO A 92 -4.78 12.90 6.78
N VAL A 93 -5.79 13.56 6.21
CA VAL A 93 -6.39 13.13 4.96
C VAL A 93 -6.29 14.25 3.94
N GLN A 94 -5.62 13.97 2.82
CA GLN A 94 -5.42 14.96 1.78
C GLN A 94 -6.50 14.84 0.72
N ASP A 95 -7.09 15.97 0.33
CA ASP A 95 -8.07 15.98 -0.75
C ASP A 95 -7.33 16.16 -2.07
N LEU A 96 -7.04 15.05 -2.73
CA LEU A 96 -6.28 15.06 -3.96
C LEU A 96 -7.17 15.09 -5.21
N ARG A 97 -8.45 15.41 -5.05
CA ARG A 97 -9.34 15.36 -6.19
C ARG A 97 -8.92 16.24 -7.36
N GLU A 98 -8.42 17.46 -7.07
CA GLU A 98 -8.03 18.37 -8.15
C GLU A 98 -6.75 17.93 -8.83
N VAL A 99 -5.93 17.17 -8.12
CA VAL A 99 -4.75 16.55 -8.73
C VAL A 99 -5.18 15.37 -9.59
N ASN A 100 -6.06 14.53 -9.04
CA ASN A 100 -6.56 13.37 -9.79
C ASN A 100 -7.13 13.77 -11.15
N LYS A 101 -7.90 14.85 -11.18
CA LYS A 101 -8.51 15.33 -12.43
C LYS A 101 -7.47 15.65 -13.49
N ARG A 102 -6.25 15.98 -13.07
CA ARG A 102 -5.22 16.47 -13.99
C ARG A 102 -4.20 15.38 -14.36
N VAL A 103 -4.34 14.22 -13.74
CA VAL A 103 -3.45 13.10 -13.99
C VAL A 103 -4.02 12.19 -15.08
N GLU A 104 -3.18 11.76 -16.01
CA GLU A 104 -3.62 10.93 -17.10
C GLU A 104 -4.18 9.61 -16.56
N ASP A 105 -5.28 9.16 -17.13
CA ASP A 105 -5.90 7.92 -16.67
C ASP A 105 -5.10 6.70 -17.10
N ILE A 106 -5.15 5.65 -16.29
CA ILE A 106 -4.57 4.37 -16.66
C ILE A 106 -5.65 3.30 -16.64
N HIS A 107 -5.45 2.22 -17.38
CA HIS A 107 -6.42 1.13 -17.38
C HIS A 107 -6.55 0.52 -15.99
N PRO A 108 -7.78 0.29 -15.54
CA PRO A 108 -7.95 -0.32 -14.21
C PRO A 108 -7.71 -1.82 -14.27
N THR A 109 -6.56 -2.29 -13.80
CA THR A 109 -6.21 -3.70 -13.94
C THR A 109 -6.44 -4.55 -12.69
N VAL A 110 -6.86 -3.93 -11.59
CA VAL A 110 -7.15 -4.69 -10.39
C VAL A 110 -8.49 -5.40 -10.60
N PRO A 111 -8.51 -6.73 -10.50
CA PRO A 111 -9.77 -7.47 -10.67
C PRO A 111 -10.75 -7.17 -9.53
N ASN A 112 -12.05 -7.26 -9.79
CA ASN A 112 -12.99 -7.19 -8.67
C ASN A 112 -12.89 -8.47 -7.85
N PRO A 113 -13.08 -8.36 -6.53
CA PRO A 113 -12.94 -9.53 -5.66
C PRO A 113 -13.70 -10.76 -6.16
N TYR A 114 -14.91 -10.57 -6.68
CA TYR A 114 -15.69 -11.71 -7.14
C TYR A 114 -14.93 -12.51 -8.20
N ASN A 115 -14.40 -11.81 -9.20
CA ASN A 115 -13.67 -12.45 -10.28
C ASN A 115 -12.34 -13.02 -9.79
N LEU A 116 -11.67 -12.30 -8.90
CA LEU A 116 -10.42 -12.78 -8.34
C LEU A 116 -10.61 -14.13 -7.64
N LEU A 117 -11.70 -14.25 -6.90
CA LEU A 117 -11.93 -15.47 -6.11
C LEU A 117 -12.28 -16.67 -6.97
N SER A 118 -12.74 -16.43 -8.19
CA SER A 118 -13.08 -17.51 -9.10
C SER A 118 -11.84 -18.34 -9.46
N GLY A 119 -10.66 -17.79 -9.19
CA GLY A 119 -9.42 -18.49 -9.47
C GLY A 119 -8.94 -19.36 -8.32
N LEU A 120 -9.83 -19.62 -7.36
CA LEU A 120 -9.51 -20.45 -6.22
C LEU A 120 -10.16 -21.83 -6.40
N PRO A 121 -9.33 -22.85 -6.69
CA PRO A 121 -9.82 -24.23 -6.91
C PRO A 121 -10.15 -24.94 -5.60
N PRO A 122 -11.09 -25.90 -5.66
CA PRO A 122 -11.46 -26.71 -4.49
C PRO A 122 -10.30 -27.59 -4.03
N SER A 123 -9.36 -27.86 -4.93
CA SER A 123 -8.18 -28.65 -4.63
C SER A 123 -7.29 -28.02 -3.55
N HIS A 124 -7.37 -26.70 -3.42
CA HIS A 124 -6.53 -25.97 -2.49
C HIS A 124 -7.35 -25.37 -1.34
N GLN A 125 -7.43 -26.08 -0.21
CA GLN A 125 -8.27 -25.63 0.89
C GLN A 125 -7.52 -25.25 2.16
N TRP A 126 -6.20 -25.12 2.08
CA TRP A 126 -5.40 -24.61 3.17
C TRP A 126 -4.93 -23.19 2.86
N TYR A 127 -5.31 -22.23 3.69
CA TYR A 127 -5.15 -20.82 3.35
C TYR A 127 -4.21 -20.05 4.27
N THR A 128 -3.48 -19.12 3.68
CA THR A 128 -2.78 -18.09 4.43
C THR A 128 -3.22 -16.74 3.87
N VAL A 129 -3.62 -15.83 4.76
CA VAL A 129 -3.97 -14.49 4.33
C VAL A 129 -3.06 -13.48 4.99
N LEU A 130 -2.43 -12.64 4.16
CA LEU A 130 -1.57 -11.59 4.67
C LEU A 130 -2.06 -10.26 4.13
N ASP A 131 -1.98 -9.21 4.93
CA ASP A 131 -2.16 -7.87 4.39
C ASP A 131 -0.88 -7.07 4.58
N LEU A 132 -0.49 -6.34 3.54
CA LEU A 132 0.72 -5.55 3.61
C LEU A 132 0.43 -4.22 4.25
N LYS A 133 1.27 -3.85 5.22
CA LYS A 133 1.09 -2.60 5.94
C LYS A 133 1.74 -1.44 5.18
N ASP A 134 1.02 -0.32 5.11
CA ASP A 134 1.51 0.91 4.48
C ASP A 134 2.07 0.58 3.10
N ALA A 135 1.29 -0.19 2.35
CA ALA A 135 1.69 -0.70 1.04
C ALA A 135 2.09 0.41 0.06
N PHE A 136 1.24 1.42 -0.09
CA PHE A 136 1.55 2.49 -1.06
C PHE A 136 2.87 3.13 -0.71
N PHE A 137 3.13 3.31 0.59
CA PHE A 137 4.36 3.97 1.01
C PHE A 137 5.62 3.17 0.69
N CYS A 138 5.47 1.89 0.33
CA CYS A 138 6.63 1.10 -0.08
C CYS A 138 7.13 1.47 -1.47
N LEU A 139 6.27 2.11 -2.26
CA LEU A 139 6.64 2.52 -3.62
C LEU A 139 7.12 3.96 -3.69
N ARG A 140 8.37 4.13 -4.11
CA ARG A 140 8.91 5.47 -4.28
C ARG A 140 8.27 6.24 -5.43
N LEU A 141 8.14 7.56 -5.26
CA LEU A 141 7.77 8.47 -6.33
C LEU A 141 9.03 9.11 -6.89
N HIS A 142 9.12 9.20 -8.22
CA HIS A 142 10.23 9.91 -8.85
C HIS A 142 10.21 11.36 -8.37
N PRO A 143 11.39 11.97 -8.17
CA PRO A 143 11.43 13.36 -7.73
C PRO A 143 10.66 14.32 -8.64
N THR A 144 10.54 13.98 -9.92
CA THR A 144 9.83 14.85 -10.86
C THR A 144 8.33 14.88 -10.60
N SER A 145 7.83 13.80 -10.02
CA SER A 145 6.40 13.67 -9.74
C SER A 145 6.04 14.08 -8.31
N GLN A 146 7.03 14.18 -7.44
CA GLN A 146 6.78 14.54 -6.05
C GLN A 146 6.03 15.87 -5.85
N PRO A 147 6.40 16.92 -6.60
CA PRO A 147 5.73 18.21 -6.38
C PRO A 147 4.21 18.19 -6.59
N LEU A 148 3.71 17.27 -7.41
CA LEU A 148 2.27 17.19 -7.68
C LEU A 148 1.45 17.09 -6.40
N PHE A 149 2.00 16.47 -5.36
CA PHE A 149 1.20 16.06 -4.20
C PHE A 149 1.41 16.93 -2.96
N ALA A 150 1.91 18.13 -3.17
CA ALA A 150 2.26 19.02 -2.05
C ALA A 150 1.04 19.53 -1.29
N PHE A 151 1.25 19.79 0.00
CA PHE A 151 0.24 20.40 0.84
C PHE A 151 0.95 21.32 1.82
N GLU A 152 0.17 22.16 2.49
CA GLU A 152 0.72 23.16 3.40
C GLU A 152 0.80 22.60 4.82
N TRP A 153 1.91 22.88 5.51
CA TRP A 153 2.01 22.55 6.92
C TRP A 153 2.62 23.68 7.73
N ARG A 154 1.99 24.01 8.85
CA ARG A 154 2.51 25.05 9.73
C ARG A 154 2.49 24.63 11.19
N ASP A 155 3.47 25.12 11.93
CA ASP A 155 3.57 24.87 13.37
C ASP A 155 4.00 26.17 14.06
N PRO A 156 3.03 27.01 14.41
CA PRO A 156 3.26 28.35 14.96
C PRO A 156 4.30 28.34 16.08
N GLU A 157 4.09 27.49 17.07
CA GLU A 157 4.98 27.41 18.23
C GLU A 157 6.10 26.42 17.97
N SER A 161 5.82 27.96 8.49
CA SER A 161 4.83 27.82 7.41
C SER A 161 5.52 27.51 6.08
N GLY A 162 5.16 26.36 5.50
CA GLY A 162 5.73 25.95 4.22
C GLY A 162 4.94 24.77 3.68
N GLN A 163 5.44 24.18 2.60
CA GLN A 163 4.79 23.01 2.03
C GLN A 163 5.59 21.75 2.30
N LEU A 164 4.90 20.62 2.38
CA LEU A 164 5.54 19.32 2.42
C LEU A 164 5.01 18.53 1.22
N THR A 165 5.74 17.50 0.82
CA THR A 165 5.18 16.56 -0.15
C THR A 165 5.65 15.14 0.10
N TRP A 166 5.05 14.20 -0.62
CA TRP A 166 5.30 12.77 -0.45
C TRP A 166 6.44 12.30 -1.33
N THR A 167 7.28 11.42 -0.80
CA THR A 167 8.34 10.80 -1.59
C THR A 167 7.94 9.38 -1.98
N ARG A 168 6.74 8.99 -1.57
CA ARG A 168 6.18 7.67 -1.87
C ARG A 168 4.76 7.83 -2.43
N LEU A 169 4.27 6.79 -3.08
CA LEU A 169 2.92 6.75 -3.60
C LEU A 169 1.89 7.12 -2.53
N PRO A 170 1.13 8.19 -2.75
CA PRO A 170 0.27 8.72 -1.67
C PRO A 170 -1.12 8.09 -1.57
N GLN A 171 -1.66 8.08 -0.36
CA GLN A 171 -3.09 7.83 -0.18
C GLN A 171 -3.90 8.92 -0.85
N GLY A 172 -5.07 8.56 -1.39
CA GLY A 172 -5.98 9.53 -1.95
C GLY A 172 -5.74 9.82 -3.42
N PHE A 173 -4.66 9.28 -3.96
CA PHE A 173 -4.33 9.43 -5.38
C PHE A 173 -5.03 8.33 -6.17
N LYS A 174 -5.71 8.72 -7.25
CA LYS A 174 -6.64 7.82 -7.93
C LYS A 174 -5.96 6.57 -8.49
N ASN A 175 -4.68 6.67 -8.81
CA ASN A 175 -3.98 5.55 -9.41
C ASN A 175 -3.16 4.68 -8.45
N SER A 176 -3.18 5.02 -7.17
CA SER A 176 -2.33 4.26 -6.24
C SER A 176 -2.66 2.78 -6.15
N PRO A 177 -3.96 2.43 -6.03
CA PRO A 177 -4.24 1.00 -5.92
C PRO A 177 -3.75 0.22 -7.15
N THR A 178 -3.99 0.75 -8.34
CA THR A 178 -3.62 0.05 -9.55
C THR A 178 -2.09 -0.04 -9.71
N LEU A 179 -1.42 1.08 -9.48
CA LEU A 179 0.05 1.07 -9.56
C LEU A 179 0.66 0.13 -8.55
N PHE A 180 0.09 0.07 -7.34
CA PHE A 180 0.63 -0.86 -6.36
C PHE A 180 0.42 -2.32 -6.79
N ASP A 181 -0.79 -2.64 -7.22
CA ASP A 181 -1.13 -3.99 -7.63
C ASP A 181 -0.19 -4.43 -8.76
N GLU A 182 0.05 -3.54 -9.71
CA GLU A 182 0.92 -3.87 -10.84
C GLU A 182 2.37 -4.06 -10.37
N ALA A 183 2.82 -3.21 -9.45
CA ALA A 183 4.19 -3.32 -8.95
C ALA A 183 4.42 -4.63 -8.20
N LEU A 184 3.47 -4.99 -7.34
CA LEU A 184 3.63 -6.21 -6.56
C LEU A 184 3.54 -7.45 -7.47
N HIS A 185 2.70 -7.40 -8.49
CA HIS A 185 2.67 -8.47 -9.48
C HIS A 185 4.04 -8.67 -10.13
N ARG A 186 4.69 -7.58 -10.52
CA ARG A 186 6.03 -7.68 -11.10
C ARG A 186 6.99 -8.33 -10.10
N ASP A 187 6.90 -7.91 -8.83
CA ASP A 187 7.82 -8.40 -7.81
C ASP A 187 7.55 -9.85 -7.42
N LEU A 188 6.31 -10.31 -7.59
CA LEU A 188 5.95 -11.67 -7.17
C LEU A 188 5.92 -12.65 -8.35
N ALA A 189 6.25 -12.17 -9.54
CA ALA A 189 6.21 -13.02 -10.72
C ALA A 189 7.09 -14.27 -10.57
N ASP A 190 8.29 -14.10 -10.03
CA ASP A 190 9.21 -15.21 -9.89
C ASP A 190 8.71 -16.20 -8.86
N PHE A 191 8.19 -15.69 -7.75
CA PHE A 191 7.60 -16.53 -6.72
C PHE A 191 6.57 -17.49 -7.33
N ARG A 192 5.71 -16.95 -8.20
CA ARG A 192 4.70 -17.76 -8.86
C ARG A 192 5.33 -18.86 -9.70
N ILE A 193 6.42 -18.53 -10.37
CA ILE A 193 7.12 -19.48 -11.21
C ILE A 193 7.82 -20.57 -10.38
N GLN A 194 8.33 -20.18 -9.21
CA GLN A 194 9.01 -21.13 -8.34
C GLN A 194 8.05 -22.05 -7.60
N HIS A 195 6.79 -21.65 -7.50
CA HIS A 195 5.79 -22.41 -6.75
C HIS A 195 4.52 -22.61 -7.56
N PRO A 196 4.62 -23.43 -8.63
CA PRO A 196 3.54 -23.64 -9.60
C PRO A 196 2.33 -24.34 -9.00
N ASP A 197 2.48 -24.95 -7.83
CA ASP A 197 1.39 -25.71 -7.22
C ASP A 197 0.68 -24.91 -6.12
N LEU A 198 1.10 -23.67 -5.93
CA LEU A 198 0.43 -22.78 -4.99
C LEU A 198 -0.47 -21.81 -5.75
N ILE A 199 -1.58 -21.43 -5.13
CA ILE A 199 -2.45 -20.39 -5.66
C ILE A 199 -2.17 -19.10 -4.91
N LEU A 200 -1.92 -18.02 -5.64
CA LEU A 200 -1.69 -16.73 -5.01
C LEU A 200 -2.63 -15.70 -5.59
N LEU A 201 -3.50 -15.17 -4.75
CA LEU A 201 -4.43 -14.13 -5.17
C LEU A 201 -3.96 -12.79 -4.61
N GLN A 202 -3.89 -11.78 -5.47
CA GLN A 202 -3.48 -10.45 -5.07
C GLN A 202 -4.60 -9.45 -5.29
N TYR A 203 -4.97 -8.75 -4.23
CA TYR A 203 -5.91 -7.64 -4.36
C TYR A 203 -5.30 -6.41 -3.71
N VAL A 204 -4.52 -5.67 -4.50
CA VAL A 204 -3.73 -4.56 -3.96
C VAL A 204 -2.85 -5.03 -2.80
N ASP A 205 -3.20 -4.67 -1.56
CA ASP A 205 -2.39 -5.08 -0.41
C ASP A 205 -2.87 -6.34 0.32
N ASP A 206 -3.92 -6.96 -0.19
CA ASP A 206 -4.52 -8.14 0.43
C ASP A 206 -4.17 -9.40 -0.35
N LEU A 207 -3.44 -10.32 0.30
CA LEU A 207 -2.93 -11.51 -0.37
C LEU A 207 -3.52 -12.80 0.20
N LEU A 208 -3.90 -13.71 -0.68
CA LEU A 208 -4.31 -15.06 -0.27
C LEU A 208 -3.42 -16.10 -0.90
N LEU A 209 -2.80 -16.94 -0.08
CA LEU A 209 -2.03 -18.06 -0.59
C LEU A 209 -2.80 -19.33 -0.25
N ALA A 210 -3.01 -20.18 -1.25
CA ALA A 210 -3.77 -21.42 -1.07
C ALA A 210 -2.97 -22.65 -1.49
N ALA A 211 -3.05 -23.71 -0.69
CA ALA A 211 -2.27 -24.91 -0.95
C ALA A 211 -3.13 -26.16 -0.81
N THR A 212 -2.58 -27.28 -1.27
CA THR A 212 -3.30 -28.56 -1.25
C THR A 212 -3.29 -29.20 0.14
N SER A 213 -2.23 -28.93 0.90
CA SER A 213 -2.07 -29.52 2.21
C SER A 213 -1.55 -28.51 3.22
N GLU A 214 -1.74 -28.81 4.50
CA GLU A 214 -1.22 -27.96 5.57
C GLU A 214 0.27 -27.75 5.41
N LEU A 215 0.98 -28.85 5.12
CA LEU A 215 2.43 -28.82 4.94
C LEU A 215 2.85 -27.90 3.80
N ASP A 216 2.23 -28.07 2.64
CA ASP A 216 2.53 -27.22 1.49
C ASP A 216 2.22 -25.77 1.80
N CYS A 217 1.17 -25.53 2.57
CA CYS A 217 0.80 -24.18 2.95
C CYS A 217 1.85 -23.56 3.87
N GLN A 218 2.40 -24.38 4.75
CA GLN A 218 3.44 -23.94 5.67
C GLN A 218 4.70 -23.57 4.92
N GLN A 219 5.12 -24.44 4.00
CA GLN A 219 6.33 -24.21 3.22
C GLN A 219 6.13 -23.04 2.24
N GLY A 220 4.94 -22.98 1.65
CA GLY A 220 4.61 -21.87 0.77
C GLY A 220 4.64 -20.55 1.49
N THR A 221 4.05 -20.51 2.68
CA THR A 221 3.97 -19.29 3.48
C THR A 221 5.36 -18.82 3.90
N ARG A 222 6.19 -19.75 4.34
CA ARG A 222 7.57 -19.42 4.66
C ARG A 222 8.24 -18.74 3.46
N ALA A 223 8.10 -19.35 2.29
CA ALA A 223 8.72 -18.83 1.08
C ALA A 223 8.16 -17.45 0.70
N LEU A 224 6.85 -17.27 0.87
CA LEU A 224 6.24 -15.99 0.53
C LEU A 224 6.68 -14.88 1.49
N LEU A 225 6.75 -15.19 2.78
CA LEU A 225 7.19 -14.22 3.76
C LEU A 225 8.64 -13.83 3.50
N GLN A 226 9.50 -14.82 3.26
CA GLN A 226 10.91 -14.53 3.00
C GLN A 226 11.04 -13.62 1.78
N THR A 227 10.29 -13.96 0.74
CA THR A 227 10.30 -13.19 -0.51
C THR A 227 9.79 -11.75 -0.31
N LEU A 228 8.63 -11.60 0.32
CA LEU A 228 8.08 -10.26 0.60
C LEU A 228 9.07 -9.41 1.38
N GLY A 229 9.64 -9.98 2.44
CA GLY A 229 10.59 -9.25 3.26
C GLY A 229 11.81 -8.83 2.47
N ASN A 230 12.35 -9.74 1.68
CA ASN A 230 13.51 -9.45 0.86
C ASN A 230 13.27 -8.33 -0.14
N LEU A 231 12.05 -8.29 -0.68
CA LEU A 231 11.68 -7.30 -1.69
C LEU A 231 11.39 -5.93 -1.07
N GLY A 232 11.19 -5.90 0.24
CA GLY A 232 10.96 -4.65 0.93
C GLY A 232 9.53 -4.37 1.36
N TYR A 233 8.65 -5.36 1.21
CA TYR A 233 7.27 -5.23 1.67
C TYR A 233 7.14 -5.73 3.11
N ARG A 234 6.08 -5.33 3.79
CA ARG A 234 5.89 -5.71 5.20
C ARG A 234 4.46 -6.11 5.45
N ALA A 235 4.27 -7.30 6.01
CA ALA A 235 2.93 -7.81 6.31
C ALA A 235 2.58 -7.58 7.78
N SER A 236 1.29 -7.51 8.08
CA SER A 236 0.84 -7.32 9.45
C SER A 236 0.81 -8.65 10.21
N ALA A 237 1.72 -8.82 11.16
CA ALA A 237 1.77 -10.02 11.96
C ALA A 237 0.51 -10.17 12.81
N LYS A 238 0.00 -9.03 13.29
CA LYS A 238 -1.19 -9.03 14.15
C LYS A 238 -2.39 -9.62 13.43
N LYS A 239 -2.55 -9.27 12.15
CA LYS A 239 -3.74 -9.66 11.40
C LYS A 239 -3.56 -10.95 10.59
N ALA A 240 -2.32 -11.43 10.51
CA ALA A 240 -2.01 -12.61 9.70
C ALA A 240 -2.85 -13.83 10.04
N GLN A 241 -3.39 -14.47 9.01
CA GLN A 241 -4.06 -15.76 9.17
C GLN A 241 -3.21 -16.82 8.49
N ILE A 242 -2.54 -17.65 9.28
CA ILE A 242 -1.54 -18.55 8.72
C ILE A 242 -1.95 -20.02 8.75
N CYS A 243 -1.99 -20.63 7.57
CA CYS A 243 -2.24 -22.05 7.42
C CYS A 243 -3.51 -22.48 8.14
N GLN A 244 -4.61 -21.82 7.80
CA GLN A 244 -5.91 -22.15 8.36
C GLN A 244 -6.77 -22.78 7.27
N LYS A 245 -7.73 -23.61 7.67
CA LYS A 245 -8.68 -24.14 6.70
C LYS A 245 -9.87 -23.19 6.60
N GLN A 246 -9.86 -22.17 7.45
CA GLN A 246 -10.92 -21.17 7.49
C GLN A 246 -10.32 -19.78 7.63
N VAL A 247 -10.50 -18.93 6.62
CA VAL A 247 -9.97 -17.57 6.69
C VAL A 247 -10.95 -16.51 6.23
N LYS A 248 -10.73 -15.28 6.67
CA LYS A 248 -11.47 -14.14 6.16
C LYS A 248 -10.61 -13.43 5.12
N TYR A 249 -11.13 -13.28 3.91
CA TYR A 249 -10.41 -12.63 2.82
C TYR A 249 -11.36 -11.78 1.98
N LEU A 250 -11.09 -10.49 1.92
CA LEU A 250 -11.89 -9.56 1.11
C LEU A 250 -13.36 -9.58 1.51
N GLY A 251 -13.62 -9.71 2.81
CA GLY A 251 -14.99 -9.67 3.31
C GLY A 251 -15.73 -10.99 3.18
N TYR A 252 -15.09 -11.97 2.57
CA TYR A 252 -15.68 -13.30 2.47
C TYR A 252 -15.15 -14.18 3.59
N LEU A 253 -15.94 -15.19 3.97
CA LEU A 253 -15.41 -16.25 4.82
C LEU A 253 -15.11 -17.45 3.94
N LEU A 254 -13.83 -17.76 3.80
CA LEU A 254 -13.39 -18.89 2.99
C LEU A 254 -13.39 -20.16 3.84
N LYS A 255 -14.31 -21.06 3.54
CA LYS A 255 -14.51 -22.24 4.36
C LYS A 255 -14.87 -23.45 3.52
N GLU A 256 -13.96 -24.42 3.49
CA GLU A 256 -14.20 -25.69 2.83
C GLU A 256 -14.45 -25.54 1.33
N GLY A 257 -13.90 -24.49 0.74
CA GLY A 257 -14.03 -24.26 -0.69
C GLY A 257 -15.24 -23.42 -1.05
N GLN A 258 -15.99 -23.00 -0.03
CA GLN A 258 -17.16 -22.17 -0.24
C GLN A 258 -16.83 -20.68 -0.16
N ARG A 259 -17.44 -19.90 -1.06
CA ARG A 259 -17.30 -18.45 -1.07
C ARG A 259 -16.01 -17.95 -1.70
C1 EDO D . 4.22 17.11 -11.68
O1 EDO D . 5.09 16.48 -12.63
C2 EDO D . 5.02 17.69 -10.51
O2 EDO D . 5.68 18.87 -10.97
C1 EDO E . 12.01 7.51 -0.60
O1 EDO E . 11.94 7.99 0.74
C2 EDO E . 13.45 7.41 -1.10
O2 EDO E . 13.94 6.07 -0.94
C1 EDO F . -0.19 4.53 4.53
O1 EDO F . -0.79 3.29 4.94
C2 EDO F . -0.03 4.55 3.02
O2 EDO F . 0.62 3.35 2.57
#